data_6B3Y
#
_entry.id   6B3Y
#
_cell.length_a   82.006
_cell.length_b   82.006
_cell.length_c   161.448
_cell.angle_alpha   90.00
_cell.angle_beta   90.00
_cell.angle_gamma   90.00
#
_symmetry.space_group_name_H-M   'P 41 21 2'
#
loop_
_entity.id
_entity.type
_entity.pdbx_description
1 polymer 'DENN domain-containing protein 3'
2 water water
#
_entity_poly.entity_id   1
_entity_poly.type   'polypeptide(L)'
_entity_poly.pdbx_seq_one_letter_code
;GPLGSVKNFELPKKHMQLNDFVKRVQESGIVKDAVIIHRLFDALTFGHEKQIDPETFRDFYTCWKETEAEAQEVSLPALL
MEHLDKNECVYKLSSSVKTNRGVGKIAMTQKRLFLLTEGRPGYVEIATFRNIEEVKNSTVAFLLLRIPTLKIKTVAKKEV
FEANLKSECDLWHLMVKEMWAGKQLADDHKDPQYVQQALTNVLLMDAVVGTLQSPSAIHAASKLAYFDNMKKKSPMAVPK
TTSETLKHKINPSAGETAP
;
_entity_poly.pdbx_strand_id   A,B
#
# COMPACT_ATOMS: atom_id res chain seq x y z
N ASN A 8 31.58 5.11 -5.53
CA ASN A 8 31.14 4.79 -6.88
C ASN A 8 29.71 5.28 -7.17
N PHE A 9 28.76 4.35 -7.32
CA PHE A 9 27.44 4.72 -7.81
C PHE A 9 26.66 5.48 -6.74
N GLU A 10 26.06 6.60 -7.13
CA GLU A 10 25.13 7.33 -6.30
C GLU A 10 23.78 7.43 -7.00
N LEU A 11 22.71 7.46 -6.22
CA LEU A 11 21.38 7.47 -6.81
C LEU A 11 21.17 8.76 -7.59
N PRO A 12 20.47 8.70 -8.72
CA PRO A 12 20.25 9.89 -9.53
C PRO A 12 19.39 10.93 -8.83
N LYS A 13 19.75 12.19 -9.05
CA LYS A 13 19.08 13.32 -8.45
C LYS A 13 18.35 14.18 -9.48
N LYS A 14 18.39 13.84 -10.76
CA LYS A 14 17.68 14.58 -11.79
C LYS A 14 16.63 13.70 -12.46
N HIS A 15 15.63 14.34 -13.08
CA HIS A 15 14.66 13.61 -13.90
C HIS A 15 15.37 12.89 -15.03
N MET A 16 14.86 11.69 -15.38
CA MET A 16 15.52 10.84 -16.36
C MET A 16 14.59 10.54 -17.53
N GLN A 17 15.03 10.90 -18.73
CA GLN A 17 14.44 10.36 -19.94
C GLN A 17 14.91 8.91 -20.10
N LEU A 18 14.42 8.22 -21.12
CA LEU A 18 14.71 6.80 -21.27
C LEU A 18 16.21 6.55 -21.30
N ASN A 19 16.96 7.33 -22.10
CA ASN A 19 18.37 7.01 -22.26
C ASN A 19 19.14 7.25 -20.98
N ASP A 20 18.80 8.31 -20.23
CA ASP A 20 19.41 8.54 -18.92
C ASP A 20 19.12 7.37 -17.99
N PHE A 21 17.86 6.93 -17.96
CA PHE A 21 17.44 5.87 -17.06
C PHE A 21 18.24 4.60 -17.33
N VAL A 22 18.37 4.23 -18.61
CA VAL A 22 19.14 3.04 -18.97
C VAL A 22 20.54 3.13 -18.38
N LYS A 23 21.20 4.28 -18.56
CA LYS A 23 22.56 4.42 -18.06
C LYS A 23 22.63 4.34 -16.54
N ARG A 24 21.68 4.96 -15.84
CA ARG A 24 21.77 4.95 -14.39
C ARG A 24 21.49 3.54 -13.84
N VAL A 25 20.57 2.79 -14.46
CA VAL A 25 20.35 1.41 -14.02
C VAL A 25 21.60 0.57 -14.27
N GLN A 26 22.18 0.70 -15.46
CA GLN A 26 23.42 -0.02 -15.74
C GLN A 26 24.50 0.34 -14.72
N GLU A 27 24.62 1.62 -14.37
CA GLU A 27 25.63 2.02 -13.40
C GLU A 27 25.36 1.46 -12.02
N SER A 28 24.09 1.30 -11.64
CA SER A 28 23.73 0.72 -10.35
C SER A 28 24.13 -0.74 -10.23
N GLY A 29 24.33 -1.42 -11.35
CA GLY A 29 24.65 -2.83 -11.33
C GLY A 29 23.48 -3.76 -11.19
N ILE A 30 22.24 -3.23 -11.08
CA ILE A 30 21.09 -4.10 -10.86
C ILE A 30 20.83 -4.96 -12.09
N VAL A 31 20.85 -4.35 -13.27
CA VAL A 31 20.73 -5.09 -14.52
C VAL A 31 21.53 -4.36 -15.56
N LYS A 32 22.06 -5.09 -16.54
CA LYS A 32 22.86 -4.45 -17.56
C LYS A 32 22.22 -4.43 -18.94
N ASP A 33 21.23 -5.27 -19.19
CA ASP A 33 20.67 -5.46 -20.53
C ASP A 33 19.75 -4.27 -20.83
N ALA A 34 20.15 -3.40 -21.78
CA ALA A 34 19.38 -2.18 -22.06
C ALA A 34 17.97 -2.46 -22.57
N VAL A 35 17.78 -3.56 -23.30
CA VAL A 35 16.43 -3.91 -23.78
C VAL A 35 15.50 -4.23 -22.61
N ILE A 36 15.98 -5.00 -21.63
CA ILE A 36 15.16 -5.27 -20.46
C ILE A 36 14.91 -3.99 -19.68
N ILE A 37 15.93 -3.13 -19.56
CA ILE A 37 15.75 -1.86 -18.83
C ILE A 37 14.72 -0.99 -19.53
N HIS A 38 14.70 -1.03 -20.86
CA HIS A 38 13.65 -0.36 -21.61
C HIS A 38 12.27 -0.85 -21.17
N ARG A 39 12.07 -2.18 -21.03
CA ARG A 39 10.78 -2.68 -20.56
C ARG A 39 10.51 -2.24 -19.14
N LEU A 40 11.56 -2.20 -18.31
CA LEU A 40 11.40 -1.68 -16.95
C LEU A 40 10.88 -0.25 -16.98
N PHE A 41 11.48 0.58 -17.84
CA PHE A 41 11.03 1.96 -18.01
C PHE A 41 9.55 2.02 -18.40
N ASP A 42 9.16 1.17 -19.36
CA ASP A 42 7.76 1.10 -19.76
C ASP A 42 6.86 0.65 -18.61
N ALA A 43 7.34 -0.28 -17.78
CA ALA A 43 6.55 -0.69 -16.61
C ALA A 43 6.38 0.46 -15.63
N LEU A 44 7.47 1.17 -15.32
CA LEU A 44 7.37 2.20 -14.27
C LEU A 44 6.62 3.44 -14.73
N THR A 45 6.53 3.68 -16.04
CA THR A 45 5.84 4.86 -16.56
C THR A 45 4.48 4.51 -17.11
N PHE A 46 4.01 3.29 -16.87
CA PHE A 46 2.76 2.81 -17.45
C PHE A 46 1.61 3.73 -17.06
N GLY A 47 0.90 4.23 -18.07
CA GLY A 47 -0.19 5.14 -17.81
C GLY A 47 0.18 6.61 -17.70
N HIS A 48 1.45 6.91 -17.41
CA HIS A 48 1.98 8.25 -17.12
C HIS A 48 2.91 8.76 -18.22
N GLU A 49 3.48 9.95 -17.96
CA GLU A 49 4.48 10.55 -18.83
C GLU A 49 5.74 9.69 -18.87
N LYS A 50 6.46 9.78 -19.98
CA LYS A 50 7.59 8.86 -20.24
C LYS A 50 8.88 9.47 -19.67
N GLN A 51 8.95 9.47 -18.34
CA GLN A 51 10.16 9.89 -17.65
C GLN A 51 10.17 9.29 -16.25
N ILE A 52 11.36 9.10 -15.69
CA ILE A 52 11.55 8.57 -14.33
C ILE A 52 12.10 9.68 -13.44
N ASP A 53 11.41 9.97 -12.30
CA ASP A 53 11.93 10.95 -11.33
C ASP A 53 12.81 10.27 -10.27
N PRO A 54 13.67 11.05 -9.58
CA PRO A 54 14.54 10.46 -8.55
C PRO A 54 13.85 9.60 -7.51
N GLU A 55 12.65 10.00 -7.08
CA GLU A 55 11.91 9.24 -6.08
C GLU A 55 11.55 7.84 -6.57
N THR A 56 11.06 7.75 -7.81
CA THR A 56 10.74 6.45 -8.38
C THR A 56 11.98 5.58 -8.48
N PHE A 57 13.08 6.17 -8.96
CA PHE A 57 14.31 5.39 -9.05
C PHE A 57 14.75 4.90 -7.67
N ARG A 58 14.69 5.78 -6.67
CA ARG A 58 15.09 5.41 -5.32
C ARG A 58 14.20 4.29 -4.78
N ASP A 59 12.89 4.36 -5.05
CA ASP A 59 11.99 3.33 -4.55
C ASP A 59 12.25 1.99 -5.24
N PHE A 60 12.48 2.03 -6.55
CA PHE A 60 12.77 0.80 -7.29
C PHE A 60 14.05 0.14 -6.75
N TYR A 61 15.12 0.93 -6.60
CA TYR A 61 16.38 0.41 -6.10
C TYR A 61 16.22 -0.18 -4.70
N THR A 62 15.48 0.52 -3.83
CA THR A 62 15.30 0.03 -2.45
C THR A 62 14.53 -1.30 -2.43
N CYS A 63 13.46 -1.40 -3.22
CA CYS A 63 12.68 -2.63 -3.27
C CYS A 63 13.52 -3.79 -3.76
N TRP A 64 14.27 -3.57 -4.85
CA TRP A 64 15.14 -4.63 -5.37
C TRP A 64 16.13 -5.10 -4.30
N LYS A 65 16.77 -4.16 -3.63
CA LYS A 65 17.76 -4.55 -2.63
C LYS A 65 17.10 -5.23 -1.43
N GLU A 66 15.90 -4.82 -1.06
CA GLU A 66 15.21 -5.47 0.05
C GLU A 66 14.88 -6.92 -0.29
N THR A 67 14.36 -7.17 -1.49
CA THR A 67 14.06 -8.54 -1.88
C THR A 67 15.33 -9.38 -1.91
N GLU A 68 16.42 -8.81 -2.43
CA GLU A 68 17.69 -9.51 -2.46
C GLU A 68 18.17 -9.85 -1.06
N ALA A 69 18.03 -8.91 -0.13
CA ALA A 69 18.51 -9.18 1.22
C ALA A 69 17.66 -10.26 1.90
N GLU A 70 16.33 -10.19 1.75
CA GLU A 70 15.47 -11.25 2.28
C GLU A 70 15.90 -12.62 1.76
N ALA A 71 16.13 -12.71 0.44
CA ALA A 71 16.50 -13.98 -0.17
C ALA A 71 17.86 -14.47 0.35
N GLN A 72 18.78 -13.55 0.59
CA GLN A 72 20.12 -13.92 1.05
C GLN A 72 20.10 -14.48 2.46
N GLU A 73 19.12 -14.08 3.25
CA GLU A 73 19.01 -14.46 4.65
C GLU A 73 18.15 -15.73 4.85
N VAL A 74 17.80 -16.42 3.76
CA VAL A 74 16.94 -17.60 3.86
C VAL A 74 17.67 -18.67 4.67
N SER A 75 16.90 -19.42 5.47
CA SER A 75 17.40 -20.54 6.27
C SER A 75 17.01 -21.85 5.58
N LEU A 76 17.99 -22.50 4.92
CA LEU A 76 17.62 -23.71 4.22
C LEU A 76 18.01 -24.96 5.01
N PRO A 77 17.15 -25.97 5.07
CA PRO A 77 17.58 -27.25 5.66
C PRO A 77 18.70 -27.86 4.83
N ALA A 78 19.69 -28.46 5.52
CA ALA A 78 20.82 -29.05 4.79
C ALA A 78 20.38 -30.11 3.78
N LEU A 79 19.32 -30.87 4.07
CA LEU A 79 18.86 -31.87 3.12
C LEU A 79 18.47 -31.24 1.80
N LEU A 80 17.80 -30.10 1.86
CA LEU A 80 17.47 -29.36 0.64
C LEU A 80 18.75 -28.90 -0.05
N MET A 81 19.63 -28.28 0.71
CA MET A 81 20.83 -27.71 0.10
C MET A 81 21.66 -28.77 -0.59
N GLU A 82 21.70 -29.98 -0.03
CA GLU A 82 22.42 -31.09 -0.63
C GLU A 82 21.86 -31.52 -1.97
N HIS A 83 20.60 -31.22 -2.25
CA HIS A 83 19.98 -31.66 -3.48
C HIS A 83 19.69 -30.52 -4.46
N LEU A 84 20.18 -29.31 -4.17
CA LEU A 84 20.17 -28.24 -5.15
C LEU A 84 21.15 -28.53 -6.29
N ASP A 85 20.84 -28.01 -7.47
CA ASP A 85 21.84 -28.05 -8.53
C ASP A 85 22.98 -27.09 -8.18
N LYS A 86 24.12 -27.28 -8.86
CA LYS A 86 25.21 -26.33 -8.68
C LYS A 86 24.75 -24.96 -9.13
N ASN A 87 25.13 -23.96 -8.34
CA ASN A 87 24.80 -22.55 -8.53
C ASN A 87 23.31 -22.24 -8.32
N GLU A 88 22.49 -23.20 -7.90
CA GLU A 88 21.07 -22.92 -7.67
C GLU A 88 20.90 -22.21 -6.33
N CYS A 89 20.18 -21.08 -6.35
CA CYS A 89 20.10 -20.14 -5.23
C CYS A 89 18.67 -19.65 -5.10
N VAL A 90 18.28 -19.28 -3.88
CA VAL A 90 16.99 -18.62 -3.66
C VAL A 90 17.10 -17.14 -4.03
N TYR A 91 16.19 -16.67 -4.89
CA TYR A 91 16.17 -15.27 -5.29
C TYR A 91 15.00 -14.48 -4.74
N LYS A 92 13.98 -15.16 -4.23
CA LYS A 92 12.79 -14.50 -3.73
C LYS A 92 12.17 -15.40 -2.67
N LEU A 93 11.85 -14.82 -1.53
CA LEU A 93 11.32 -15.54 -0.39
C LEU A 93 10.04 -14.85 0.03
N SER A 94 8.93 -15.60 0.16
CA SER A 94 7.69 -15.03 0.69
C SER A 94 7.74 -14.91 2.22
N SER A 95 6.76 -14.19 2.77
CA SER A 95 6.43 -14.31 4.18
C SER A 95 5.90 -15.71 4.48
N SER A 96 5.88 -16.04 5.77
CA SER A 96 5.23 -17.28 6.22
C SER A 96 3.75 -17.25 5.88
N VAL A 97 3.26 -18.27 5.18
CA VAL A 97 1.88 -18.29 4.70
C VAL A 97 1.27 -19.67 4.94
N LYS A 98 -0.05 -19.70 5.07
CA LYS A 98 -0.78 -20.95 5.08
C LYS A 98 -0.85 -21.55 3.69
N THR A 99 -0.54 -22.84 3.57
CA THR A 99 -0.71 -23.54 2.30
C THR A 99 -1.35 -24.89 2.57
N ASN A 100 -1.76 -25.57 1.49
CA ASN A 100 -2.33 -26.90 1.69
C ASN A 100 -1.26 -27.95 1.94
N ARG A 101 0.01 -27.54 2.06
CA ARG A 101 1.09 -28.42 2.49
C ARG A 101 1.69 -27.99 3.82
N GLY A 102 1.03 -27.11 4.55
CA GLY A 102 1.51 -26.60 5.82
C GLY A 102 1.88 -25.13 5.75
N VAL A 103 2.19 -24.59 6.90
CA VAL A 103 2.65 -23.21 6.99
C VAL A 103 4.12 -23.18 6.62
N GLY A 104 4.50 -22.23 5.78
CA GLY A 104 5.91 -21.99 5.55
C GLY A 104 6.13 -20.81 4.63
N LYS A 105 7.38 -20.66 4.20
CA LYS A 105 7.78 -19.60 3.29
C LYS A 105 8.04 -20.22 1.93
N ILE A 106 7.53 -19.58 0.87
CA ILE A 106 7.84 -20.04 -0.48
C ILE A 106 9.14 -19.43 -0.93
N ALA A 107 10.07 -20.29 -1.39
CA ALA A 107 11.38 -19.86 -1.87
C ALA A 107 11.48 -20.20 -3.35
N MET A 108 11.81 -19.20 -4.15
CA MET A 108 11.95 -19.37 -5.60
C MET A 108 13.43 -19.41 -5.95
N THR A 109 13.89 -20.51 -6.59
CA THR A 109 15.21 -20.55 -7.20
C THR A 109 15.08 -20.32 -8.70
N GLN A 110 16.21 -20.39 -9.42
CA GLN A 110 16.15 -20.30 -10.89
C GLN A 110 15.35 -21.44 -11.49
N LYS A 111 15.22 -22.54 -10.78
CA LYS A 111 14.72 -23.82 -11.31
C LYS A 111 13.36 -24.23 -10.75
N ARG A 112 13.05 -23.86 -9.50
CA ARG A 112 11.90 -24.48 -8.87
C ARG A 112 11.42 -23.65 -7.69
N LEU A 113 10.29 -24.09 -7.15
CA LEU A 113 9.65 -23.50 -5.98
C LEU A 113 9.70 -24.49 -4.82
N PHE A 114 10.12 -24.01 -3.66
CA PHE A 114 10.10 -24.78 -2.42
C PHE A 114 9.20 -24.14 -1.38
N LEU A 115 8.59 -24.97 -0.53
CA LEU A 115 8.01 -24.50 0.71
C LEU A 115 8.95 -24.88 1.86
N LEU A 116 9.35 -23.91 2.66
CA LEU A 116 10.20 -24.17 3.82
C LEU A 116 9.29 -24.27 5.03
N THR A 117 9.32 -25.41 5.71
CA THR A 117 8.35 -25.73 6.74
C THR A 117 9.06 -26.05 8.06
N GLU A 118 8.26 -26.02 9.13
CA GLU A 118 8.64 -26.58 10.43
C GLU A 118 8.87 -28.08 10.35
N GLY A 119 9.76 -28.58 11.18
CA GLY A 119 9.93 -30.01 11.34
C GLY A 119 10.90 -30.61 10.35
N ARG A 120 10.80 -31.94 10.22
CA ARG A 120 11.65 -32.75 9.35
C ARG A 120 10.81 -33.37 8.25
N PRO A 121 11.28 -33.33 6.99
CA PRO A 121 12.61 -32.82 6.59
C PRO A 121 12.69 -31.27 6.48
N GLY A 122 11.59 -30.58 6.66
CA GLY A 122 11.66 -29.12 6.71
C GLY A 122 11.46 -28.44 5.37
N TYR A 123 11.11 -29.18 4.32
CA TYR A 123 10.80 -28.56 3.03
C TYR A 123 9.94 -29.48 2.18
N VAL A 124 9.23 -28.85 1.25
CA VAL A 124 8.52 -29.52 0.17
C VAL A 124 8.96 -28.87 -1.13
N GLU A 125 9.30 -29.68 -2.14
CA GLU A 125 9.47 -29.13 -3.47
C GLU A 125 8.09 -28.98 -4.08
N ILE A 126 7.66 -27.75 -4.30
CA ILE A 126 6.33 -27.49 -4.82
C ILE A 126 6.22 -27.93 -6.26
N ALA A 127 7.14 -27.45 -7.10
CA ALA A 127 7.12 -27.70 -8.54
C ALA A 127 8.41 -27.17 -9.13
N THR A 128 8.85 -27.79 -10.21
CA THR A 128 9.85 -27.17 -11.05
C THR A 128 9.15 -26.35 -12.10
N PHE A 129 9.82 -25.30 -12.59
CA PHE A 129 9.19 -24.53 -13.67
C PHE A 129 9.02 -25.36 -14.93
N ARG A 130 9.81 -26.40 -15.11
CA ARG A 130 9.59 -27.29 -16.25
C ARG A 130 8.26 -28.05 -16.17
N ASN A 131 7.84 -28.48 -14.98
CA ASN A 131 6.74 -29.44 -14.85
C ASN A 131 5.41 -28.79 -14.55
N ILE A 132 5.31 -27.46 -14.58
CA ILE A 132 4.05 -26.80 -14.29
C ILE A 132 3.06 -27.02 -15.43
N GLU A 133 1.82 -27.35 -15.06
CA GLU A 133 0.69 -27.51 -15.97
C GLU A 133 -0.24 -26.31 -16.04
N GLU A 134 -0.57 -25.70 -14.90
CA GLU A 134 -1.50 -24.58 -14.84
C GLU A 134 -1.22 -23.76 -13.60
N VAL A 135 -1.39 -22.43 -13.70
CA VAL A 135 -1.29 -21.55 -12.54
C VAL A 135 -2.53 -20.67 -12.50
N LYS A 136 -3.25 -20.72 -11.38
CA LYS A 136 -4.50 -19.99 -11.22
C LYS A 136 -4.40 -19.08 -10.03
N ASN A 137 -4.89 -17.86 -10.20
CA ASN A 137 -4.95 -16.87 -9.12
C ASN A 137 -6.41 -16.73 -8.71
N SER A 138 -6.77 -17.22 -7.53
CA SER A 138 -8.18 -17.25 -7.17
C SER A 138 -8.39 -16.49 -5.87
N THR A 139 -9.65 -16.29 -5.50
CA THR A 139 -9.94 -15.75 -4.17
C THR A 139 -11.16 -16.48 -3.64
N VAL A 140 -11.06 -17.01 -2.43
CA VAL A 140 -12.17 -17.74 -1.82
C VAL A 140 -12.97 -16.74 -1.00
N ALA A 141 -14.28 -16.72 -1.24
CA ALA A 141 -15.20 -15.79 -0.58
C ALA A 141 -16.17 -16.52 0.35
N PHE A 142 -16.45 -15.91 1.49
CA PHE A 142 -17.54 -16.36 2.34
C PHE A 142 -18.01 -15.15 3.14
N LEU A 143 -19.26 -14.73 2.95
CA LEU A 143 -19.72 -13.46 3.52
C LEU A 143 -18.73 -12.34 3.22
N LEU A 144 -18.19 -11.70 4.22
CA LEU A 144 -17.22 -10.63 3.98
C LEU A 144 -15.78 -11.12 3.84
N LEU A 145 -15.51 -12.41 4.08
CA LEU A 145 -14.14 -12.91 4.01
C LEU A 145 -13.68 -13.07 2.56
N ARG A 146 -12.41 -12.75 2.31
CA ARG A 146 -11.76 -12.94 1.01
C ARG A 146 -10.38 -13.55 1.23
N ILE A 147 -10.17 -14.76 0.75
CA ILE A 147 -8.88 -15.42 0.93
C ILE A 147 -8.20 -15.58 -0.43
N PRO A 148 -7.23 -14.73 -0.78
CA PRO A 148 -6.50 -14.95 -2.04
C PRO A 148 -5.77 -16.28 -1.99
N THR A 149 -5.80 -17.00 -3.11
CA THR A 149 -5.23 -18.34 -3.15
C THR A 149 -4.52 -18.53 -4.48
N LEU A 150 -3.21 -18.76 -4.42
CA LEU A 150 -2.45 -19.13 -5.61
C LEU A 150 -2.48 -20.65 -5.77
N LYS A 151 -2.77 -21.11 -6.98
CA LYS A 151 -2.92 -22.54 -7.27
C LYS A 151 -1.94 -22.94 -8.35
N ILE A 152 -1.21 -24.02 -8.13
CA ILE A 152 -0.25 -24.51 -9.10
C ILE A 152 -0.49 -26.00 -9.30
N LYS A 153 -0.79 -26.38 -10.53
CA LYS A 153 -0.94 -27.78 -10.91
C LYS A 153 0.30 -28.20 -11.70
N THR A 154 0.81 -29.38 -11.36
CA THR A 154 1.96 -29.99 -12.00
C THR A 154 1.48 -31.07 -12.96
N VAL A 155 2.21 -31.22 -14.08
CA VAL A 155 1.83 -32.18 -15.10
C VAL A 155 1.72 -33.56 -14.48
N ALA A 156 0.64 -34.28 -14.82
CA ALA A 156 0.46 -35.68 -14.43
C ALA A 156 0.37 -35.89 -12.92
N LYS A 157 0.07 -34.84 -12.14
CA LYS A 157 -0.10 -34.96 -10.70
C LYS A 157 -1.44 -34.36 -10.31
N LYS A 158 -2.24 -35.13 -9.55
CA LYS A 158 -3.61 -34.69 -9.28
C LYS A 158 -3.65 -33.52 -8.31
N GLU A 159 -2.87 -33.60 -7.23
CA GLU A 159 -3.02 -32.64 -6.13
C GLU A 159 -2.47 -31.28 -6.56
N VAL A 160 -3.32 -30.25 -6.45
CA VAL A 160 -2.94 -28.86 -6.74
C VAL A 160 -2.32 -28.25 -5.48
N PHE A 161 -1.19 -27.54 -5.64
CA PHE A 161 -0.65 -26.76 -4.54
C PHE A 161 -1.42 -25.46 -4.40
N GLU A 162 -1.79 -25.11 -3.17
CA GLU A 162 -2.56 -23.90 -2.87
C GLU A 162 -1.89 -23.12 -1.77
N ALA A 163 -1.65 -21.81 -2.00
CA ALA A 163 -0.97 -20.97 -1.02
C ALA A 163 -1.77 -19.70 -0.76
N ASN A 164 -1.95 -19.35 0.51
CA ASN A 164 -2.71 -18.16 0.92
C ASN A 164 -1.73 -16.98 1.02
N LEU A 165 -1.42 -16.39 -0.12
CA LEU A 165 -0.35 -15.39 -0.19
C LEU A 165 -0.84 -13.97 0.07
N LYS A 166 -2.11 -13.79 0.42
CA LYS A 166 -2.64 -12.48 0.87
C LYS A 166 -2.40 -11.45 -0.24
N SER A 167 -1.93 -10.24 0.10
CA SER A 167 -1.84 -9.21 -0.93
C SER A 167 -0.72 -9.50 -1.91
N GLU A 168 0.15 -10.47 -1.61
CA GLU A 168 1.23 -10.81 -2.52
C GLU A 168 0.81 -11.81 -3.58
N CYS A 169 -0.44 -12.28 -3.55
CA CYS A 169 -0.82 -13.38 -4.44
C CYS A 169 -0.70 -13.00 -5.91
N ASP A 170 -1.16 -11.80 -6.29
CA ASP A 170 -1.11 -11.41 -7.70
C ASP A 170 0.33 -11.36 -8.19
N LEU A 171 1.24 -10.87 -7.36
CA LEU A 171 2.62 -10.78 -7.81
C LEU A 171 3.19 -12.18 -8.02
N TRP A 172 2.96 -13.10 -7.07
CA TRP A 172 3.53 -14.43 -7.24
C TRP A 172 2.93 -15.11 -8.46
N HIS A 173 1.64 -14.86 -8.73
CA HIS A 173 1.00 -15.43 -9.92
C HIS A 173 1.74 -15.01 -11.18
N LEU A 174 2.03 -13.72 -11.29
CA LEU A 174 2.77 -13.19 -12.43
C LEU A 174 4.20 -13.73 -12.48
N MET A 175 4.90 -13.73 -11.35
CA MET A 175 6.30 -14.20 -11.36
C MET A 175 6.37 -15.67 -11.74
N VAL A 176 5.46 -16.49 -11.22
CA VAL A 176 5.51 -17.91 -11.56
C VAL A 176 5.17 -18.12 -13.04
N LYS A 177 4.17 -17.41 -13.56
CA LYS A 177 3.84 -17.60 -14.97
C LYS A 177 5.02 -17.20 -15.87
N GLU A 178 5.72 -16.12 -15.51
CA GLU A 178 6.85 -15.69 -16.32
C GLU A 178 8.02 -16.67 -16.23
N MET A 179 8.33 -17.19 -15.03
CA MET A 179 9.39 -18.19 -14.93
C MET A 179 9.03 -19.49 -15.64
N TRP A 180 7.77 -19.89 -15.56
CA TRP A 180 7.29 -21.06 -16.29
C TRP A 180 7.47 -20.86 -17.79
N ALA A 181 6.97 -19.74 -18.32
CA ALA A 181 7.09 -19.47 -19.75
C ALA A 181 8.53 -19.42 -20.18
N GLY A 182 9.39 -18.80 -19.36
CA GLY A 182 10.80 -18.75 -19.68
C GLY A 182 11.42 -20.14 -19.81
N LYS A 183 11.07 -21.03 -18.90
CA LYS A 183 11.61 -22.38 -18.94
C LYS A 183 11.06 -23.16 -20.13
N GLN A 184 9.77 -23.00 -20.44
CA GLN A 184 9.21 -23.66 -21.61
C GLN A 184 9.98 -23.27 -22.87
N LEU A 185 10.29 -21.99 -22.98
CA LEU A 185 11.03 -21.51 -24.14
C LEU A 185 12.49 -21.95 -24.10
N ALA A 186 13.12 -21.92 -22.92
CA ALA A 186 14.48 -22.41 -22.82
C ALA A 186 14.58 -23.86 -23.28
N ASP A 187 13.59 -24.68 -22.91
CA ASP A 187 13.61 -26.09 -23.29
C ASP A 187 13.34 -26.25 -24.78
N ASP A 188 12.41 -25.47 -25.30
CA ASP A 188 12.10 -25.53 -26.72
C ASP A 188 13.30 -25.10 -27.57
N HIS A 189 14.10 -24.15 -27.10
CA HIS A 189 15.26 -23.65 -27.84
C HIS A 189 16.57 -24.21 -27.35
N LYS A 190 16.54 -25.08 -26.36
CA LYS A 190 17.77 -25.61 -25.77
C LYS A 190 18.75 -24.47 -25.49
N ASP A 191 18.24 -23.41 -24.86
CA ASP A 191 19.01 -22.20 -24.58
C ASP A 191 18.71 -21.74 -23.15
N PRO A 192 19.63 -22.02 -22.22
CA PRO A 192 19.41 -21.66 -20.81
C PRO A 192 19.30 -20.17 -20.60
N GLN A 193 19.75 -19.36 -21.55
CA GLN A 193 19.72 -17.92 -21.37
C GLN A 193 18.30 -17.42 -21.14
N TYR A 194 17.31 -18.12 -21.68
CA TYR A 194 15.94 -17.69 -21.44
C TYR A 194 15.60 -17.72 -19.96
N VAL A 195 16.11 -18.73 -19.24
CA VAL A 195 15.83 -18.83 -17.81
C VAL A 195 16.46 -17.66 -17.07
N GLN A 196 17.69 -17.30 -17.45
CA GLN A 196 18.33 -16.18 -16.78
C GLN A 196 17.60 -14.89 -17.09
N GLN A 197 17.12 -14.71 -18.32
CA GLN A 197 16.34 -13.52 -18.63
C GLN A 197 15.01 -13.50 -17.88
N ALA A 198 14.32 -14.64 -17.80
CA ALA A 198 13.06 -14.69 -17.05
C ALA A 198 13.29 -14.35 -15.58
N LEU A 199 14.37 -14.83 -14.99
CA LEU A 199 14.64 -14.51 -13.60
C LEU A 199 14.83 -13.01 -13.43
N THR A 200 15.63 -12.39 -14.31
CA THR A 200 15.78 -10.94 -14.28
C THR A 200 14.43 -10.26 -14.40
N ASN A 201 13.59 -10.73 -15.34
CA ASN A 201 12.25 -10.17 -15.52
C ASN A 201 11.44 -10.21 -14.23
N VAL A 202 11.39 -11.36 -13.55
CA VAL A 202 10.49 -11.46 -12.40
C VAL A 202 11.02 -10.66 -11.21
N LEU A 203 12.34 -10.59 -11.04
CA LEU A 203 12.83 -9.75 -9.93
C LEU A 203 12.59 -8.28 -10.22
N LEU A 204 12.63 -7.89 -11.50
CA LEU A 204 12.24 -6.51 -11.81
C LEU A 204 10.76 -6.30 -11.55
N MET A 205 9.92 -7.28 -11.91
CA MET A 205 8.49 -7.15 -11.62
C MET A 205 8.24 -6.96 -10.13
N ASP A 206 8.92 -7.74 -9.31
CA ASP A 206 8.77 -7.62 -7.86
C ASP A 206 9.07 -6.19 -7.42
N ALA A 207 10.19 -5.64 -7.90
CA ALA A 207 10.55 -4.27 -7.51
C ALA A 207 9.56 -3.24 -8.06
N VAL A 208 9.06 -3.47 -9.27
CA VAL A 208 8.06 -2.55 -9.83
C VAL A 208 6.80 -2.53 -8.97
N VAL A 209 6.31 -3.71 -8.59
CA VAL A 209 5.09 -3.76 -7.79
C VAL A 209 5.30 -3.04 -6.46
N GLY A 210 6.45 -3.26 -5.83
CA GLY A 210 6.71 -2.58 -4.56
C GLY A 210 6.83 -1.07 -4.72
N THR A 211 7.23 -0.63 -5.91
CA THR A 211 7.45 0.78 -6.17
C THR A 211 6.13 1.48 -6.45
N LEU A 212 5.28 0.87 -7.28
CA LEU A 212 4.13 1.58 -7.81
C LEU A 212 3.00 1.69 -6.79
N GLN A 213 2.86 0.73 -5.87
CA GLN A 213 1.92 0.81 -4.74
C GLN A 213 0.51 1.21 -5.20
N SER A 214 -0.04 0.45 -6.14
CA SER A 214 -1.31 0.84 -6.78
C SER A 214 -2.03 -0.41 -7.23
N PRO A 215 -3.33 -0.29 -7.56
CA PRO A 215 -4.03 -1.45 -8.15
C PRO A 215 -3.61 -1.75 -9.58
N SER A 216 -3.13 -0.75 -10.33
CA SER A 216 -2.67 -1.03 -11.68
C SER A 216 -1.26 -1.60 -11.70
N ALA A 217 -0.65 -1.83 -10.53
CA ALA A 217 0.78 -2.12 -10.51
C ALA A 217 1.07 -3.46 -11.16
N ILE A 218 0.23 -4.47 -10.91
CA ILE A 218 0.43 -5.75 -11.59
C ILE A 218 0.28 -5.59 -13.10
N HIS A 219 -0.66 -4.75 -13.55
CA HIS A 219 -0.77 -4.54 -15.00
C HIS A 219 0.45 -3.83 -15.56
N ALA A 220 0.95 -2.82 -14.85
CA ALA A 220 2.19 -2.19 -15.28
C ALA A 220 3.35 -3.16 -15.25
N ALA A 221 3.46 -3.95 -14.19
CA ALA A 221 4.57 -4.88 -14.08
C ALA A 221 4.54 -5.92 -15.18
N SER A 222 3.36 -6.25 -15.69
CA SER A 222 3.31 -7.23 -16.76
C SER A 222 4.01 -6.75 -18.03
N LYS A 223 4.32 -5.45 -18.17
CA LYS A 223 5.12 -5.03 -19.30
C LYS A 223 6.47 -5.73 -19.33
N LEU A 224 6.92 -6.26 -18.20
CA LEU A 224 8.18 -6.98 -18.15
C LEU A 224 8.03 -8.46 -18.35
N ALA A 225 6.80 -8.98 -18.33
CA ALA A 225 6.56 -10.42 -18.46
C ALA A 225 6.69 -10.80 -19.94
N TYR A 226 7.92 -10.65 -20.42
CA TYR A 226 8.22 -10.83 -21.84
C TYR A 226 7.80 -12.20 -22.33
N PHE A 227 8.17 -13.25 -21.60
CA PHE A 227 7.90 -14.61 -22.09
C PHE A 227 6.43 -15.01 -21.90
N ASP A 228 5.81 -14.62 -20.78
CA ASP A 228 4.39 -14.89 -20.62
C ASP A 228 3.55 -14.13 -21.65
N ASN A 229 3.91 -12.88 -21.94
CA ASN A 229 3.13 -12.09 -22.89
C ASN A 229 3.15 -12.70 -24.26
N MET A 230 4.26 -13.33 -24.61
CA MET A 230 4.34 -14.13 -25.84
C MET A 230 3.27 -15.19 -25.86
N LYS A 231 3.19 -16.00 -24.80
CA LYS A 231 2.21 -17.09 -24.76
C LYS A 231 0.81 -16.52 -24.94
N LYS A 232 0.54 -15.36 -24.36
CA LYS A 232 -0.68 -14.60 -24.62
C LYS A 232 -0.71 -14.19 -26.10
N PHE B 9 -32.66 9.28 5.49
CA PHE B 9 -32.29 8.82 6.83
C PHE B 9 -32.88 9.74 7.87
N GLU B 10 -33.72 9.18 8.75
CA GLU B 10 -34.38 10.00 9.76
C GLU B 10 -33.52 10.04 11.02
N LEU B 11 -33.29 11.24 11.53
CA LEU B 11 -32.42 11.44 12.68
C LEU B 11 -33.10 10.98 13.98
N PRO B 12 -32.34 10.38 14.89
CA PRO B 12 -32.91 9.97 16.17
C PRO B 12 -33.41 11.19 16.94
N LYS B 13 -34.56 11.06 17.57
CA LYS B 13 -35.10 12.19 18.31
C LYS B 13 -35.14 11.94 19.81
N LYS B 14 -34.74 10.75 20.26
CA LYS B 14 -34.60 10.41 21.67
C LYS B 14 -33.15 10.09 21.99
N HIS B 15 -32.80 10.26 23.26
CA HIS B 15 -31.48 9.82 23.74
C HIS B 15 -31.28 8.35 23.51
N MET B 16 -30.05 7.97 23.19
CA MET B 16 -29.71 6.60 22.82
C MET B 16 -28.65 6.06 23.78
N GLN B 17 -28.90 4.88 24.35
CA GLN B 17 -27.82 4.19 25.00
C GLN B 17 -26.96 3.47 23.97
N LEU B 18 -25.98 2.71 24.47
CA LEU B 18 -24.98 2.10 23.59
C LEU B 18 -25.62 1.22 22.52
N ASN B 19 -26.53 0.31 22.91
CA ASN B 19 -27.05 -0.62 21.91
C ASN B 19 -27.97 0.09 20.91
N ASP B 20 -28.76 1.06 21.36
CA ASP B 20 -29.55 1.87 20.43
C ASP B 20 -28.64 2.66 19.49
N PHE B 21 -27.59 3.27 20.04
CA PHE B 21 -26.68 4.08 19.23
C PHE B 21 -26.03 3.24 18.15
N VAL B 22 -25.54 2.04 18.51
CA VAL B 22 -24.97 1.13 17.53
C VAL B 22 -25.95 0.90 16.38
N LYS B 23 -27.22 0.68 16.73
CA LYS B 23 -28.20 0.38 15.69
C LYS B 23 -28.41 1.56 14.75
N ARG B 24 -28.51 2.78 15.30
CA ARG B 24 -28.83 3.89 14.42
C ARG B 24 -27.63 4.28 13.55
N VAL B 25 -26.43 4.11 14.08
CA VAL B 25 -25.23 4.33 13.26
C VAL B 25 -25.17 3.32 12.12
N GLN B 26 -25.37 2.04 12.45
CA GLN B 26 -25.42 1.04 11.40
C GLN B 26 -26.48 1.37 10.36
N GLU B 27 -27.67 1.79 10.81
CA GLU B 27 -28.74 2.11 9.87
C GLU B 27 -28.42 3.33 9.01
N SER B 28 -27.71 4.30 9.57
CA SER B 28 -27.31 5.47 8.79
C SER B 28 -26.42 5.10 7.62
N GLY B 29 -25.76 3.95 7.68
CA GLY B 29 -24.83 3.52 6.66
C GLY B 29 -23.42 4.07 6.83
N ILE B 30 -23.15 4.84 7.88
CA ILE B 30 -21.85 5.48 8.02
C ILE B 30 -20.77 4.44 8.29
N VAL B 31 -21.03 3.53 9.25
CA VAL B 31 -20.12 2.44 9.58
C VAL B 31 -20.95 1.28 10.08
N LYS B 32 -20.42 0.06 9.92
CA LYS B 32 -21.13 -1.14 10.31
C LYS B 32 -20.50 -1.96 11.41
N ASP B 33 -19.23 -1.78 11.70
CA ASP B 33 -18.60 -2.64 12.70
C ASP B 33 -18.94 -2.12 14.08
N ALA B 34 -19.68 -2.93 14.85
CA ALA B 34 -20.12 -2.50 16.17
C ALA B 34 -18.94 -2.21 17.09
N VAL B 35 -17.82 -2.94 16.92
CA VAL B 35 -16.64 -2.70 17.75
C VAL B 35 -16.10 -1.29 17.50
N ILE B 36 -16.13 -0.84 16.25
CA ILE B 36 -15.73 0.53 15.94
C ILE B 36 -16.73 1.52 16.56
N ILE B 37 -18.02 1.21 16.45
CA ILE B 37 -19.04 2.12 16.97
C ILE B 37 -18.95 2.26 18.48
N HIS B 38 -18.54 1.21 19.19
CA HIS B 38 -18.29 1.34 20.62
C HIS B 38 -17.30 2.45 20.91
N ARG B 39 -16.18 2.50 20.17
CA ARG B 39 -15.22 3.57 20.37
C ARG B 39 -15.83 4.92 20.02
N LEU B 40 -16.64 4.96 18.96
CA LEU B 40 -17.31 6.19 18.58
C LEU B 40 -18.20 6.69 19.71
N PHE B 41 -18.95 5.78 20.34
CA PHE B 41 -19.76 6.12 21.48
C PHE B 41 -18.92 6.72 22.60
N ASP B 42 -17.77 6.12 22.87
CA ASP B 42 -16.84 6.64 23.89
C ASP B 42 -16.34 8.03 23.54
N ALA B 43 -16.05 8.28 22.27
CA ALA B 43 -15.61 9.61 21.87
C ALA B 43 -16.69 10.65 22.12
N LEU B 44 -17.94 10.33 21.74
CA LEU B 44 -18.98 11.34 21.86
C LEU B 44 -19.46 11.53 23.30
N THR B 45 -19.23 10.55 24.16
CA THR B 45 -19.59 10.66 25.58
C THR B 45 -18.39 10.93 26.46
N PHE B 46 -17.25 11.28 25.85
CA PHE B 46 -16.04 11.52 26.62
C PHE B 46 -16.29 12.58 27.67
N GLY B 47 -16.09 12.21 28.93
CA GLY B 47 -16.36 13.12 30.05
C GLY B 47 -17.81 13.21 30.49
N HIS B 48 -18.76 13.05 29.57
CA HIS B 48 -20.16 13.22 29.91
C HIS B 48 -20.79 11.87 30.20
N GLU B 49 -22.07 11.90 30.58
CA GLU B 49 -22.80 10.68 30.89
C GLU B 49 -22.86 9.77 29.66
N LYS B 50 -23.14 8.49 29.92
CA LYS B 50 -23.07 7.44 28.90
C LYS B 50 -24.39 7.26 28.15
N GLN B 51 -24.75 8.33 27.44
CA GLN B 51 -25.59 8.20 26.26
C GLN B 51 -25.46 9.43 25.36
N ILE B 52 -26.02 9.29 24.18
CA ILE B 52 -25.89 10.27 23.11
C ILE B 52 -27.18 11.06 23.02
N ASP B 53 -27.04 12.38 23.11
CA ASP B 53 -28.14 13.30 22.94
C ASP B 53 -28.55 13.30 21.47
N PRO B 54 -29.85 13.50 21.17
CA PRO B 54 -30.24 13.64 19.76
C PRO B 54 -29.48 14.77 19.09
N GLU B 55 -29.26 15.87 19.82
CA GLU B 55 -28.52 16.99 19.25
C GLU B 55 -27.12 16.56 18.84
N THR B 56 -26.45 15.79 19.69
CA THR B 56 -25.10 15.32 19.38
C THR B 56 -25.10 14.43 18.16
N PHE B 57 -26.03 13.48 18.08
CA PHE B 57 -26.14 12.61 16.92
C PHE B 57 -26.35 13.41 15.65
N ARG B 58 -27.21 14.44 15.71
CA ARG B 58 -27.49 15.26 14.55
C ARG B 58 -26.22 15.88 14.03
N ASP B 59 -25.46 16.48 14.96
CA ASP B 59 -24.25 17.21 14.59
C ASP B 59 -23.20 16.26 14.01
N PHE B 60 -23.07 15.08 14.60
CA PHE B 60 -22.12 14.09 14.09
C PHE B 60 -22.47 13.68 12.66
N TYR B 61 -23.74 13.31 12.46
CA TYR B 61 -24.21 12.91 11.14
C TYR B 61 -24.05 14.02 10.12
N THR B 62 -24.42 15.25 10.50
CA THR B 62 -24.31 16.37 9.57
C THR B 62 -22.84 16.66 9.22
N CYS B 63 -21.96 16.64 10.22
CA CYS B 63 -20.53 16.86 9.93
C CYS B 63 -20.03 15.80 8.98
N TRP B 64 -20.35 14.53 9.23
CA TRP B 64 -19.91 13.45 8.35
C TRP B 64 -20.38 13.69 6.93
N LYS B 65 -21.67 14.01 6.76
CA LYS B 65 -22.21 14.14 5.41
C LYS B 65 -21.65 15.35 4.70
N GLU B 66 -21.39 16.44 5.43
CA GLU B 66 -20.79 17.63 4.83
C GLU B 66 -19.37 17.35 4.35
N THR B 67 -18.58 16.66 5.18
CA THR B 67 -17.24 16.28 4.75
C THR B 67 -17.31 15.42 3.50
N GLU B 68 -18.20 14.43 3.52
CA GLU B 68 -18.37 13.55 2.36
C GLU B 68 -18.76 14.33 1.12
N ALA B 69 -19.68 15.29 1.25
CA ALA B 69 -20.13 16.06 0.11
C ALA B 69 -19.03 16.96 -0.41
N GLU B 70 -18.31 17.63 0.49
CA GLU B 70 -17.14 18.41 0.12
C GLU B 70 -16.19 17.59 -0.73
N ALA B 71 -15.84 16.40 -0.23
CA ALA B 71 -14.88 15.55 -0.94
C ALA B 71 -15.40 15.11 -2.30
N GLN B 72 -16.71 14.82 -2.38
CA GLN B 72 -17.29 14.36 -3.62
C GLN B 72 -17.44 15.48 -4.64
N GLU B 73 -17.61 16.72 -4.19
CA GLU B 73 -17.87 17.82 -5.10
C GLU B 73 -16.61 18.56 -5.52
N VAL B 74 -15.44 18.21 -5.01
CA VAL B 74 -14.27 19.03 -5.31
C VAL B 74 -13.92 18.92 -6.79
N SER B 75 -13.46 20.02 -7.37
CA SER B 75 -13.02 20.05 -8.75
C SER B 75 -11.51 19.83 -8.80
N LEU B 76 -11.10 18.69 -9.29
CA LEU B 76 -9.69 18.42 -9.30
C LEU B 76 -9.10 18.85 -10.64
N PRO B 77 -7.87 19.34 -10.65
CA PRO B 77 -7.22 19.66 -11.92
C PRO B 77 -7.12 18.43 -12.80
N ALA B 78 -7.30 18.64 -14.10
CA ALA B 78 -7.24 17.53 -15.04
C ALA B 78 -5.92 16.78 -14.91
N LEU B 79 -4.82 17.51 -14.66
CA LEU B 79 -3.53 16.85 -14.55
C LEU B 79 -3.50 15.90 -13.35
N LEU B 80 -4.10 16.31 -12.23
CA LEU B 80 -4.19 15.46 -11.06
C LEU B 80 -5.04 14.22 -11.33
N MET B 81 -6.21 14.42 -11.91
CA MET B 81 -7.07 13.28 -12.17
C MET B 81 -6.36 12.27 -13.06
N GLU B 82 -5.48 12.74 -13.96
CA GLU B 82 -4.68 11.86 -14.79
C GLU B 82 -3.67 11.03 -14.00
N HIS B 83 -3.26 11.48 -12.81
CA HIS B 83 -2.23 10.79 -12.05
C HIS B 83 -2.76 10.12 -10.80
N LEU B 84 -4.06 10.21 -10.53
CA LEU B 84 -4.62 9.40 -9.48
C LEU B 84 -4.58 7.94 -9.89
N ASP B 85 -4.46 7.04 -8.90
CA ASP B 85 -4.57 5.61 -9.18
C ASP B 85 -6.01 5.27 -9.50
N LYS B 86 -6.18 4.12 -10.15
CA LYS B 86 -7.53 3.66 -10.39
C LYS B 86 -8.21 3.47 -9.04
N ASN B 87 -9.45 3.95 -8.95
CA ASN B 87 -10.29 3.93 -7.74
C ASN B 87 -9.81 4.84 -6.63
N GLU B 88 -8.76 5.63 -6.84
CA GLU B 88 -8.28 6.56 -5.82
C GLU B 88 -9.17 7.80 -5.78
N CYS B 89 -9.66 8.15 -4.58
CA CYS B 89 -10.66 9.20 -4.37
C CYS B 89 -10.26 10.10 -3.21
N VAL B 90 -10.67 11.37 -3.28
CA VAL B 90 -10.56 12.30 -2.16
C VAL B 90 -11.66 11.99 -1.16
N TYR B 91 -11.29 11.82 0.13
CA TYR B 91 -12.28 11.60 1.20
C TYR B 91 -12.41 12.75 2.18
N LYS B 92 -11.44 13.64 2.23
CA LYS B 92 -11.49 14.72 3.20
C LYS B 92 -10.66 15.87 2.66
N LEU B 93 -11.21 17.08 2.75
CA LEU B 93 -10.60 18.30 2.25
C LEU B 93 -10.47 19.30 3.39
N SER B 94 -9.31 19.93 3.54
CA SER B 94 -9.16 20.99 4.52
C SER B 94 -9.79 22.28 3.99
N SER B 95 -9.91 23.26 4.88
CA SER B 95 -10.12 24.64 4.44
C SER B 95 -8.89 25.13 3.68
N SER B 96 -9.07 26.22 2.94
CA SER B 96 -7.92 26.88 2.31
C SER B 96 -6.95 27.35 3.39
N VAL B 97 -5.68 26.95 3.26
CA VAL B 97 -4.68 27.24 4.27
C VAL B 97 -3.38 27.66 3.61
N LYS B 98 -2.61 28.48 4.32
CA LYS B 98 -1.25 28.80 3.92
C LYS B 98 -0.33 27.63 4.23
N THR B 99 0.48 27.22 3.25
CA THR B 99 1.49 26.19 3.48
C THR B 99 2.79 26.67 2.84
N ASN B 100 3.89 25.98 3.15
CA ASN B 100 5.17 26.35 2.55
C ASN B 100 5.29 25.86 1.10
N ARG B 101 4.19 25.32 0.56
CA ARG B 101 4.06 25.07 -0.87
C ARG B 101 3.01 25.96 -1.50
N GLY B 102 2.59 27.01 -0.81
CA GLY B 102 1.58 27.90 -1.32
C GLY B 102 0.26 27.73 -0.58
N VAL B 103 -0.67 28.61 -0.89
CA VAL B 103 -2.03 28.51 -0.36
C VAL B 103 -2.77 27.41 -1.12
N GLY B 104 -3.51 26.58 -0.38
CA GLY B 104 -4.38 25.63 -1.06
C GLY B 104 -5.17 24.85 -0.05
N LYS B 105 -5.78 23.77 -0.51
CA LYS B 105 -6.52 22.85 0.35
C LYS B 105 -5.79 21.52 0.39
N ILE B 106 -5.66 20.95 1.58
CA ILE B 106 -5.11 19.61 1.71
C ILE B 106 -6.21 18.60 1.40
N ALA B 107 -5.92 17.66 0.49
CA ALA B 107 -6.83 16.61 0.07
C ALA B 107 -6.25 15.25 0.44
N MET B 108 -7.02 14.47 1.18
CA MET B 108 -6.58 13.14 1.60
C MET B 108 -7.31 12.08 0.80
N THR B 109 -6.57 11.22 0.09
CA THR B 109 -7.14 10.03 -0.54
C THR B 109 -6.86 8.82 0.35
N GLN B 110 -7.26 7.62 -0.11
CA GLN B 110 -6.89 6.41 0.65
C GLN B 110 -5.39 6.25 0.74
N LYS B 111 -4.66 6.81 -0.20
CA LYS B 111 -3.24 6.53 -0.39
C LYS B 111 -2.32 7.66 0.01
N ARG B 112 -2.77 8.92 -0.10
CA ARG B 112 -1.77 9.97 0.00
C ARG B 112 -2.42 11.32 0.29
N LEU B 113 -1.56 12.32 0.48
CA LEU B 113 -1.94 13.70 0.71
C LEU B 113 -1.50 14.55 -0.47
N PHE B 114 -2.42 15.39 -0.96
CA PHE B 114 -2.16 16.39 -1.99
C PHE B 114 -2.46 17.77 -1.46
N LEU B 115 -1.77 18.79 -1.99
CA LEU B 115 -2.24 20.16 -1.87
C LEU B 115 -2.88 20.58 -3.18
N LEU B 116 -4.12 21.06 -3.13
CA LEU B 116 -4.81 21.56 -4.30
C LEU B 116 -4.63 23.08 -4.35
N THR B 117 -4.10 23.60 -5.45
CA THR B 117 -3.74 25.01 -5.56
C THR B 117 -4.42 25.64 -6.78
N GLU B 118 -4.56 26.97 -6.75
CA GLU B 118 -4.94 27.68 -7.96
C GLU B 118 -3.82 27.62 -9.02
N GLY B 119 -4.21 27.74 -10.28
CA GLY B 119 -3.25 27.84 -11.36
C GLY B 119 -2.83 26.48 -11.88
N ARG B 120 -1.69 26.48 -12.59
CA ARG B 120 -1.13 25.29 -13.19
C ARG B 120 0.17 24.92 -12.49
N PRO B 121 0.41 23.63 -12.23
CA PRO B 121 -0.45 22.51 -12.63
C PRO B 121 -1.62 22.26 -11.67
N GLY B 122 -1.64 22.98 -10.56
CA GLY B 122 -2.78 22.96 -9.66
C GLY B 122 -2.74 21.95 -8.54
N TYR B 123 -1.63 21.22 -8.38
CA TYR B 123 -1.50 20.32 -7.24
C TYR B 123 -0.03 20.09 -6.91
N VAL B 124 0.19 19.71 -5.66
CA VAL B 124 1.47 19.22 -5.16
C VAL B 124 1.18 17.90 -4.46
N GLU B 125 1.95 16.87 -4.77
CA GLU B 125 1.87 15.64 -3.97
C GLU B 125 2.68 15.83 -2.67
N ILE B 126 2.01 15.81 -1.52
CA ILE B 126 2.71 16.04 -0.25
C ILE B 126 3.49 14.80 0.18
N ALA B 127 2.79 13.67 0.32
CA ALA B 127 3.37 12.46 0.86
C ALA B 127 2.35 11.35 0.70
N THR B 128 2.84 10.11 0.52
CA THR B 128 2.00 8.94 0.68
C THR B 128 2.09 8.50 2.13
N PHE B 129 1.04 7.83 2.58
CA PHE B 129 1.07 7.36 3.96
C PHE B 129 2.13 6.31 4.17
N ARG B 130 2.56 5.62 3.12
CA ARG B 130 3.68 4.70 3.23
C ARG B 130 5.02 5.42 3.47
N ASN B 131 5.22 6.61 2.90
CA ASN B 131 6.52 7.28 2.89
C ASN B 131 6.69 8.31 3.99
N ILE B 132 5.74 8.43 4.91
CA ILE B 132 5.90 9.42 5.96
C ILE B 132 7.02 9.00 6.91
N GLU B 133 7.92 9.92 7.21
CA GLU B 133 8.98 9.70 8.20
C GLU B 133 8.61 10.28 9.56
N GLU B 134 8.01 11.46 9.59
CA GLU B 134 7.69 12.12 10.85
C GLU B 134 6.50 13.05 10.64
N VAL B 135 5.65 13.12 11.65
CA VAL B 135 4.54 14.07 11.68
C VAL B 135 4.62 14.81 13.01
N LYS B 136 4.71 16.14 12.96
CA LYS B 136 4.80 16.95 14.17
C LYS B 136 3.67 17.95 14.18
N ASN B 137 3.05 18.09 15.35
CA ASN B 137 1.99 19.08 15.55
C ASN B 137 2.72 20.24 16.22
N SER B 138 2.99 21.27 15.42
CA SER B 138 3.96 22.29 15.75
C SER B 138 3.40 23.71 15.63
N THR B 139 4.30 24.68 15.64
CA THR B 139 3.98 26.07 15.36
C THR B 139 5.07 26.66 14.50
N VAL B 140 4.71 27.69 13.74
CA VAL B 140 5.67 28.58 13.11
C VAL B 140 5.63 29.89 13.88
N ALA B 141 6.79 30.44 14.24
CA ALA B 141 6.82 31.64 15.09
C ALA B 141 7.23 32.84 14.26
N PHE B 142 6.49 33.92 14.41
CA PHE B 142 6.81 35.15 13.70
C PHE B 142 6.35 36.30 14.54
N LEU B 143 7.31 37.15 14.92
CA LEU B 143 7.06 38.18 15.92
C LEU B 143 6.40 37.56 17.13
N LEU B 144 5.21 38.01 17.52
CA LEU B 144 4.54 37.43 18.67
C LEU B 144 3.58 36.30 18.30
N LEU B 145 3.40 36.03 17.00
CA LEU B 145 2.49 34.96 16.60
C LEU B 145 3.14 33.60 16.75
N ARG B 146 2.33 32.62 17.13
CA ARG B 146 2.74 31.22 17.15
C ARG B 146 1.60 30.50 16.44
N ILE B 147 1.83 30.16 15.16
CA ILE B 147 0.75 29.74 14.27
C ILE B 147 0.76 28.22 14.27
N PRO B 148 -0.31 27.57 14.76
CA PRO B 148 -0.30 26.10 14.78
C PRO B 148 -0.06 25.58 13.38
N THR B 149 0.90 24.67 13.27
CA THR B 149 1.41 24.20 11.97
C THR B 149 1.69 22.71 12.05
N LEU B 150 1.13 21.98 11.09
CA LEU B 150 1.41 20.55 10.95
C LEU B 150 2.62 20.40 10.03
N LYS B 151 3.61 19.61 10.47
CA LYS B 151 4.87 19.45 9.76
C LYS B 151 5.04 17.98 9.39
N ILE B 152 5.31 17.72 8.12
CA ILE B 152 5.38 16.34 7.63
C ILE B 152 6.70 16.17 6.88
N LYS B 153 7.51 15.24 7.36
CA LYS B 153 8.75 14.86 6.69
C LYS B 153 8.52 13.53 5.99
N THR B 154 8.98 13.47 4.75
CA THR B 154 8.88 12.28 3.92
C THR B 154 10.25 11.62 3.88
N VAL B 155 10.27 10.27 3.84
CA VAL B 155 11.53 9.55 3.77
C VAL B 155 12.35 10.06 2.60
N ALA B 156 13.64 10.31 2.86
CA ALA B 156 14.63 10.66 1.84
C ALA B 156 14.32 11.98 1.12
N LYS B 157 13.49 12.84 1.71
CA LYS B 157 13.12 14.09 1.08
C LYS B 157 13.52 15.25 1.98
N LYS B 158 14.17 16.22 1.35
CA LYS B 158 14.78 17.30 2.08
C LYS B 158 13.77 18.23 2.70
N GLU B 159 12.91 18.80 1.87
CA GLU B 159 12.04 19.86 2.32
C GLU B 159 10.85 19.27 3.10
N VAL B 160 10.63 19.79 4.29
CA VAL B 160 9.53 19.39 5.15
C VAL B 160 8.28 20.16 4.71
N PHE B 161 7.14 19.49 4.63
CA PHE B 161 5.88 20.17 4.33
C PHE B 161 5.30 20.80 5.60
N GLU B 162 4.89 22.06 5.51
CA GLU B 162 4.33 22.75 6.66
C GLU B 162 3.03 23.41 6.27
N ALA B 163 1.97 23.14 7.02
CA ALA B 163 0.66 23.69 6.72
C ALA B 163 0.16 24.40 7.96
N ASN B 164 -0.24 25.67 7.80
CA ASN B 164 -0.69 26.49 8.92
C ASN B 164 -2.18 26.21 9.10
N LEU B 165 -2.49 25.09 9.74
CA LEU B 165 -3.87 24.62 9.73
C LEU B 165 -4.68 25.23 10.88
N LYS B 166 -4.05 26.00 11.77
CA LYS B 166 -4.75 26.78 12.80
C LYS B 166 -5.61 25.83 13.60
N SER B 167 -6.92 26.09 13.79
CA SER B 167 -7.71 25.26 14.69
C SER B 167 -7.92 23.85 14.17
N GLU B 168 -7.63 23.59 12.88
CA GLU B 168 -7.71 22.26 12.29
C GLU B 168 -6.43 21.45 12.48
N CYS B 169 -5.38 22.03 13.08
CA CYS B 169 -4.09 21.36 13.11
C CYS B 169 -4.12 20.07 13.94
N ASP B 170 -4.72 20.09 15.14
CA ASP B 170 -4.70 18.90 15.98
C ASP B 170 -5.42 17.74 15.29
N LEU B 171 -6.52 18.04 14.61
CA LEU B 171 -7.27 16.98 13.95
C LEU B 171 -6.45 16.35 12.84
N TRP B 172 -5.85 17.18 11.98
CA TRP B 172 -5.06 16.65 10.87
C TRP B 172 -3.86 15.88 11.38
N HIS B 173 -3.27 16.30 12.50
CA HIS B 173 -2.19 15.53 13.11
C HIS B 173 -2.67 14.11 13.45
N LEU B 174 -3.83 14.02 14.09
CA LEU B 174 -4.36 12.71 14.46
C LEU B 174 -4.72 11.88 13.22
N MET B 175 -5.38 12.51 12.26
CA MET B 175 -5.81 11.77 11.08
C MET B 175 -4.62 11.27 10.28
N VAL B 176 -3.62 12.11 10.08
CA VAL B 176 -2.46 11.66 9.31
C VAL B 176 -1.75 10.51 10.03
N LYS B 177 -1.59 10.62 11.34
CA LYS B 177 -0.88 9.56 12.08
C LYS B 177 -1.65 8.25 12.03
N GLU B 178 -2.97 8.32 12.12
CA GLU B 178 -3.78 7.11 12.05
C GLU B 178 -3.70 6.45 10.67
N MET B 179 -3.76 7.25 9.59
CA MET B 179 -3.60 6.67 8.24
C MET B 179 -2.21 6.10 8.04
N TRP B 180 -1.19 6.80 8.55
CA TRP B 180 0.16 6.29 8.48
C TRP B 180 0.28 4.93 9.19
N ALA B 181 -0.20 4.85 10.43
CA ALA B 181 -0.15 3.58 11.16
C ALA B 181 -0.94 2.49 10.44
N GLY B 182 -2.12 2.85 9.91
CA GLY B 182 -2.91 1.89 9.17
C GLY B 182 -2.18 1.32 7.97
N LYS B 183 -1.47 2.18 7.23
CA LYS B 183 -0.71 1.68 6.08
C LYS B 183 0.48 0.83 6.53
N GLN B 184 1.17 1.23 7.59
CA GLN B 184 2.29 0.42 8.09
C GLN B 184 1.80 -0.99 8.42
N LEU B 185 0.63 -1.09 9.05
CA LEU B 185 0.08 -2.38 9.42
C LEU B 185 -0.40 -3.18 8.22
N ALA B 186 -1.01 -2.51 7.24
CA ALA B 186 -1.40 -3.22 6.01
C ALA B 186 -0.19 -3.83 5.32
N ASP B 187 0.92 -3.09 5.30
CA ASP B 187 2.14 -3.59 4.67
C ASP B 187 2.74 -4.72 5.48
N ASP B 188 2.72 -4.59 6.81
CA ASP B 188 3.26 -5.63 7.67
C ASP B 188 2.48 -6.94 7.56
N HIS B 189 1.16 -6.86 7.46
CA HIS B 189 0.30 -8.04 7.47
C HIS B 189 -0.19 -8.42 6.09
N LYS B 190 0.27 -7.73 5.05
CA LYS B 190 -0.14 -7.99 3.67
C LYS B 190 -1.67 -8.00 3.54
N ASP B 191 -2.31 -6.99 4.13
CA ASP B 191 -3.77 -6.99 4.21
C ASP B 191 -4.28 -5.57 4.01
N PRO B 192 -4.87 -5.29 2.85
CA PRO B 192 -5.40 -3.94 2.59
C PRO B 192 -6.50 -3.50 3.54
N GLN B 193 -7.12 -4.43 4.29
CA GLN B 193 -8.23 -4.05 5.15
C GLN B 193 -7.81 -3.03 6.22
N TYR B 194 -6.55 -3.03 6.64
CA TYR B 194 -6.10 -2.06 7.63
C TYR B 194 -6.24 -0.61 7.11
N VAL B 195 -5.97 -0.41 5.83
CA VAL B 195 -6.11 0.93 5.25
C VAL B 195 -7.57 1.37 5.25
N GLN B 196 -8.47 0.46 4.87
CA GLN B 196 -9.89 0.82 4.84
C GLN B 196 -10.41 1.13 6.23
N GLN B 197 -10.01 0.36 7.23
CA GLN B 197 -10.41 0.63 8.61
C GLN B 197 -9.82 1.94 9.12
N ALA B 198 -8.53 2.21 8.79
CA ALA B 198 -7.92 3.47 9.18
C ALA B 198 -8.66 4.65 8.57
N LEU B 199 -9.07 4.51 7.31
CA LEU B 199 -9.82 5.59 6.66
C LEU B 199 -11.15 5.83 7.37
N THR B 200 -11.86 4.76 7.71
CA THR B 200 -13.06 4.94 8.51
C THR B 200 -12.76 5.66 9.82
N ASN B 201 -11.70 5.24 10.51
CA ASN B 201 -11.35 5.87 11.79
C ASN B 201 -11.18 7.37 11.64
N VAL B 202 -10.47 7.80 10.60
CA VAL B 202 -10.16 9.25 10.55
C VAL B 202 -11.38 10.03 10.13
N LEU B 203 -12.24 9.48 9.26
CA LEU B 203 -13.45 10.20 8.92
C LEU B 203 -14.39 10.29 10.12
N LEU B 204 -14.37 9.28 10.99
CA LEU B 204 -15.10 9.39 12.26
C LEU B 204 -14.48 10.45 13.17
N MET B 205 -13.14 10.50 13.25
CA MET B 205 -12.53 11.55 14.07
C MET B 205 -12.91 12.93 13.57
N ASP B 206 -12.89 13.13 12.25
CA ASP B 206 -13.27 14.42 11.69
C ASP B 206 -14.66 14.82 12.13
N ALA B 207 -15.62 13.90 12.03
CA ALA B 207 -16.99 14.21 12.41
C ALA B 207 -17.11 14.46 13.91
N VAL B 208 -16.35 13.73 14.73
CA VAL B 208 -16.37 13.94 16.19
C VAL B 208 -15.86 15.34 16.51
N VAL B 209 -14.74 15.73 15.91
CA VAL B 209 -14.17 17.04 16.22
C VAL B 209 -15.12 18.15 15.81
N GLY B 210 -15.74 18.03 14.63
CA GLY B 210 -16.71 19.02 14.22
C GLY B 210 -17.92 19.05 15.14
N THR B 211 -18.19 17.94 15.83
CA THR B 211 -19.39 17.85 16.66
C THR B 211 -19.19 18.49 18.03
N LEU B 212 -18.12 18.11 18.76
CA LEU B 212 -18.07 18.55 20.15
C LEU B 212 -17.58 19.98 20.27
N GLN B 213 -16.58 20.33 19.45
CA GLN B 213 -16.03 21.67 19.36
C GLN B 213 -15.78 22.26 20.74
N SER B 214 -14.84 21.67 21.45
CA SER B 214 -14.49 21.95 22.84
C SER B 214 -12.98 21.78 22.93
N PRO B 215 -12.32 22.23 24.02
CA PRO B 215 -10.88 21.95 24.14
C PRO B 215 -10.58 20.47 24.31
N SER B 216 -11.51 19.69 24.82
CA SER B 216 -11.33 18.26 24.98
C SER B 216 -11.60 17.48 23.70
N ALA B 217 -11.90 18.15 22.59
CA ALA B 217 -12.44 17.43 21.43
C ALA B 217 -11.41 16.50 20.81
N ILE B 218 -10.15 16.93 20.72
CA ILE B 218 -9.10 16.08 20.20
C ILE B 218 -8.90 14.85 21.09
N HIS B 219 -8.99 15.01 22.42
CA HIS B 219 -8.79 13.85 23.28
C HIS B 219 -9.92 12.84 23.10
N ALA B 220 -11.15 13.30 22.89
CA ALA B 220 -12.26 12.40 22.56
C ALA B 220 -12.02 11.70 21.23
N ALA B 221 -11.62 12.47 20.23
CA ALA B 221 -11.36 11.86 18.93
C ALA B 221 -10.24 10.83 19.02
N SER B 222 -9.29 11.02 19.94
CA SER B 222 -8.16 10.08 20.04
C SER B 222 -8.60 8.69 20.40
N LYS B 223 -9.79 8.53 20.99
CA LYS B 223 -10.32 7.21 21.28
C LYS B 223 -10.54 6.38 20.02
N LEU B 224 -10.64 7.02 18.86
CA LEU B 224 -10.84 6.28 17.62
C LEU B 224 -9.54 5.97 16.89
N ALA B 225 -8.42 6.53 17.33
CA ALA B 225 -7.14 6.34 16.64
C ALA B 225 -6.55 4.99 17.04
N TYR B 226 -7.26 3.94 16.64
CA TYR B 226 -6.95 2.59 17.08
C TYR B 226 -5.55 2.18 16.63
N PHE B 227 -5.21 2.44 15.37
CA PHE B 227 -3.93 1.95 14.84
C PHE B 227 -2.75 2.77 15.34
N ASP B 228 -2.92 4.09 15.44
CA ASP B 228 -1.87 4.91 16.04
C ASP B 228 -1.63 4.52 17.49
N ASN B 229 -2.71 4.22 18.22
CA ASN B 229 -2.54 3.82 19.61
C ASN B 229 -1.74 2.54 19.70
N MET B 230 -1.92 1.63 18.72
CA MET B 230 -1.09 0.43 18.62
C MET B 230 0.38 0.78 18.45
N LYS B 231 0.71 1.58 17.43
CA LYS B 231 2.12 1.91 17.16
C LYS B 231 2.81 2.51 18.37
N LYS B 232 2.07 3.25 19.20
CA LYS B 232 2.61 3.68 20.49
C LYS B 232 3.00 2.49 21.37
N LYS B 233 2.49 1.29 21.06
CA LYS B 233 2.56 0.10 21.92
C LYS B 233 1.87 0.36 23.24
#